data_2W97
#
_entry.id   2W97
#
_cell.length_a   84.106
_cell.length_b   38.201
_cell.length_c   93.687
_cell.angle_alpha   90.00
_cell.angle_beta   101.51
_cell.angle_gamma   90.00
#
_symmetry.space_group_name_H-M   'P 1 21 1'
#
loop_
_entity.id
_entity.type
_entity.pdbx_description
1 polymer 'EUKARYOTIC TRANSLATION INITIATION FACTOR 4E'
2 polymer 'EUKARYOTIC TRANSLATION INITIATION FACTOR 4E'
3 polymer 'EUKARYOTIC TRANSLATION INITIATION FACTOR 4 GAMMA 1'
4 non-polymer '[[(2R,3S,4R,5R)-5-(6-AMINO-3-METHYL-4-OXO-5H-IMIDAZO[4,5-C]PYRIDIN-1-YL)-3,4-DIHYDROXY-OXOLAN-2-YL]METHOXY-HYDROXY-PHOSPHORYL] PHOSPHONO HYDROGEN PHOSPHATE'
5 non-polymer 'TRIETHYLENE GLYCOL'
6 non-polymer 'SULFATE ION'
7 non-polymer GLYCEROL
8 water water
#
loop_
_entity_poly.entity_id
_entity_poly.type
_entity_poly.pdbx_seq_one_letter_code
_entity_poly.pdbx_strand_id
1 'polypeptide(L)'
;MATVEPETTPTPNPPTTEEEKTESNQEVANPEHYIKHPLQNRWALWFFKNDKSKTWQANLRLISKFDTVEDFWALYNHIQ
LSSNLMPGCDYSLFKDGIEPMWEDEKNKRGGRWLITLNKQQRRSDLDRFWLETLLCLIGESFDDYSDDVCGAVVNVRAKG
DKIAIWTTECENREAVTHIGRVYKERLGLPPKIVIGYQSHADTATKSGSTTKNRFVV
;
A
2 'polypeptide(L)'
;MATVEPETTPTPNPPTTEEEKTESNQEVANPEHYIKHPLQNRWALWFFKKDKSKTWQANLRLISKFDTVEDFWALYNHIQ
LSSNLMPGCDYSLFKDGIEPMWEDEKNKRGGRWLITLNKQQRRSDLDRFWLETLLCLIGESFDDYSDDVCGAVVNVRAKG
DKIAIWTTECENREAVTHIGRVYKERLGLPPKIVIGYQSHADTATKSGSTTKNRFVV
;
B
3 'polypeptide(L)' KKRYDREFLLGFQF E,F
#
loop_
_chem_comp.id
_chem_comp.type
_chem_comp.name
_chem_comp.formula
GOL non-polymer GLYCEROL 'C3 H8 O3'
MGO non-polymer '[[(2R,3S,4R,5R)-5-(6-AMINO-3-METHYL-4-OXO-5H-IMIDAZO[4,5-C]PYRIDIN-1-YL)-3,4-DIHYDROXY-OXOLAN-2-YL]METHOXY-HYDROXY-PHOSPHORYL] PHOSPHONO HYDROGEN PHOSPHATE' 'C12 H20 N4 O14 P3 1'
PGE non-polymer 'TRIETHYLENE GLYCOL' 'C6 H14 O4'
SO4 non-polymer 'SULFATE ION' 'O4 S -2'
#
# COMPACT_ATOMS: atom_id res chain seq x y z
N PRO A 31 17.81 16.85 -40.03
CA PRO A 31 17.58 16.32 -38.69
C PRO A 31 16.12 16.43 -38.23
N GLU A 32 15.53 17.62 -38.33
CA GLU A 32 14.10 17.78 -38.09
C GLU A 32 13.30 16.91 -39.04
N HIS A 33 13.84 16.63 -40.23
CA HIS A 33 13.14 15.83 -41.22
C HIS A 33 12.95 14.36 -40.79
N TYR A 34 13.81 13.84 -39.93
CA TYR A 34 13.87 12.39 -39.69
C TYR A 34 14.16 11.94 -38.24
N ILE A 35 14.53 12.87 -37.37
CA ILE A 35 14.80 12.52 -35.97
C ILE A 35 13.55 12.77 -35.14
N LYS A 36 13.16 11.80 -34.32
CA LYS A 36 12.04 12.00 -33.38
C LYS A 36 12.40 13.08 -32.36
N HIS A 37 11.38 13.73 -31.81
CA HIS A 37 11.57 14.81 -30.84
C HIS A 37 11.67 14.25 -29.43
N PRO A 38 12.87 14.32 -28.83
CA PRO A 38 13.08 13.67 -27.54
C PRO A 38 12.39 14.42 -26.41
N LEU A 39 11.83 13.67 -25.47
CA LEU A 39 11.26 14.25 -24.27
C LEU A 39 12.34 14.41 -23.19
N GLN A 40 12.15 15.35 -22.27
CA GLN A 40 13.12 15.54 -21.20
C GLN A 40 13.25 14.25 -20.42
N ASN A 41 12.12 13.59 -20.19
CA ASN A 41 12.11 12.35 -19.46
C ASN A 41 11.56 11.20 -20.26
N ARG A 42 11.91 10.00 -19.85
CA ARG A 42 11.25 8.79 -20.31
C ARG A 42 10.10 8.55 -19.34
N TRP A 43 8.96 8.15 -19.89
CA TRP A 43 7.72 7.99 -19.11
C TRP A 43 7.17 6.58 -19.24
N ALA A 44 6.50 6.11 -18.20
CA ALA A 44 5.85 4.81 -18.20
C ALA A 44 4.34 4.95 -17.98
N LEU A 45 3.52 4.44 -18.89
CA LEU A 45 2.08 4.43 -18.68
C LEU A 45 1.65 3.12 -18.02
N TRP A 46 0.94 3.24 -16.89
CA TRP A 46 0.43 2.10 -16.13
C TRP A 46 -1.10 2.05 -16.20
N PHE A 47 -1.62 0.84 -16.14
CA PHE A 47 -3.05 0.58 -16.08
C PHE A 47 -3.37 -0.17 -14.81
N PHE A 48 -4.49 0.17 -14.19
CA PHE A 48 -5.02 -0.58 -13.08
C PHE A 48 -6.42 -1.08 -13.42
N LYS A 49 -6.66 -2.38 -13.30
CA LYS A 49 -8.04 -2.89 -13.36
C LYS A 49 -8.54 -3.38 -12.00
N ASN A 50 -9.75 -2.98 -11.64
CA ASN A 50 -10.38 -3.44 -10.41
C ASN A 50 -10.81 -4.92 -10.47
N ASP A 51 -9.86 -5.81 -10.24
CA ASP A 51 -10.18 -7.19 -9.93
C ASP A 51 -10.24 -7.27 -8.41
N LYS A 52 -11.43 -7.55 -7.88
CA LYS A 52 -11.65 -7.60 -6.44
C LYS A 52 -11.02 -8.81 -5.74
N SER A 53 -10.54 -9.78 -6.53
CA SER A 53 -9.91 -11.00 -5.99
C SER A 53 -8.37 -10.90 -5.82
N LYS A 54 -7.77 -9.84 -6.38
CA LYS A 54 -6.34 -9.57 -6.23
C LYS A 54 -6.09 -8.32 -5.37
N THR A 55 -4.92 -8.27 -4.74
CA THR A 55 -4.47 -7.09 -3.98
C THR A 55 -4.29 -5.87 -4.88
N TRP A 56 -4.31 -4.69 -4.29
CA TRP A 56 -4.13 -3.45 -5.04
C TRP A 56 -2.88 -3.47 -5.95
N GLN A 57 -1.71 -3.75 -5.37
CA GLN A 57 -0.45 -3.81 -6.12
C GLN A 57 -0.48 -4.80 -7.27
N ALA A 58 -1.13 -5.94 -7.05
CA ALA A 58 -1.21 -7.01 -8.06
C ALA A 58 -2.05 -6.60 -9.27
N ASN A 59 -2.94 -5.63 -9.07
CA ASN A 59 -3.80 -5.12 -10.13
C ASN A 59 -3.14 -4.10 -11.07
N LEU A 60 -1.88 -3.76 -10.77
CA LEU A 60 -1.12 -2.76 -11.51
C LEU A 60 -0.44 -3.40 -12.72
N ARG A 61 -0.58 -2.79 -13.89
CA ARG A 61 0.04 -3.31 -15.09
C ARG A 61 0.79 -2.24 -15.88
N LEU A 62 2.03 -2.53 -16.26
CA LEU A 62 2.80 -1.63 -17.10
C LEU A 62 2.30 -1.77 -18.55
N ILE A 63 1.94 -0.65 -19.17
CA ILE A 63 1.43 -0.71 -20.54
C ILE A 63 2.58 -0.53 -21.50
N SER A 64 3.35 0.53 -21.31
CA SER A 64 4.35 0.93 -22.27
C SER A 64 5.22 2.08 -21.76
N LYS A 65 6.42 2.19 -22.29
CA LYS A 65 7.30 3.31 -22.04
C LYS A 65 7.63 4.08 -23.32
N PHE A 66 7.85 5.38 -23.20
CA PHE A 66 8.13 6.22 -24.36
C PHE A 66 8.98 7.42 -23.94
N ASP A 67 9.71 8.00 -24.89
CA ASP A 67 10.56 9.17 -24.59
C ASP A 67 10.64 10.16 -25.74
N THR A 68 9.68 10.09 -26.66
CA THR A 68 9.57 11.07 -27.75
C THR A 68 8.13 11.56 -27.83
N VAL A 69 7.95 12.75 -28.39
CA VAL A 69 6.61 13.27 -28.68
C VAL A 69 5.82 12.31 -29.58
N GLU A 70 6.49 11.78 -30.61
CA GLU A 70 5.87 10.93 -31.59
C GLU A 70 5.39 9.62 -30.96
N ASP A 71 6.23 9.03 -30.11
CA ASP A 71 5.86 7.79 -29.45
C ASP A 71 4.77 8.02 -28.41
N PHE A 72 4.72 9.20 -27.83
CA PHE A 72 3.64 9.51 -26.91
C PHE A 72 2.33 9.44 -27.66
N TRP A 73 2.23 10.18 -28.78
CA TRP A 73 1.00 10.20 -29.58
C TRP A 73 0.59 8.84 -30.13
N ALA A 74 1.56 8.06 -30.62
CA ALA A 74 1.30 6.68 -31.05
C ALA A 74 0.62 5.89 -29.93
N LEU A 75 1.14 6.02 -28.71
CA LEU A 75 0.52 5.39 -27.54
C LEU A 75 -0.86 5.94 -27.23
N TYR A 76 -0.97 7.25 -27.09
CA TYR A 76 -2.24 7.90 -26.79
C TYR A 76 -3.37 7.54 -27.80
N ASN A 77 -3.06 7.54 -29.09
CA ASN A 77 -4.07 7.26 -30.13
C ASN A 77 -4.50 5.80 -30.19
N HIS A 78 -3.77 4.93 -29.51
CA HIS A 78 -4.00 3.49 -29.52
C HIS A 78 -4.92 3.03 -28.37
N ILE A 79 -4.98 3.82 -27.31
CA ILE A 79 -5.62 3.38 -26.08
C ILE A 79 -6.97 4.06 -25.82
N GLN A 80 -7.81 3.41 -25.03
CA GLN A 80 -9.10 3.96 -24.62
C GLN A 80 -8.98 5.31 -23.93
N LEU A 81 -9.90 6.20 -24.29
CA LEU A 81 -10.13 7.40 -23.52
C LEU A 81 -10.53 6.98 -22.12
N SER A 82 -10.07 7.74 -21.13
CA SER A 82 -10.44 7.51 -19.72
C SER A 82 -11.93 7.38 -19.56
N SER A 83 -12.68 8.27 -20.20
CA SER A 83 -14.16 8.27 -20.11
C SER A 83 -14.77 6.99 -20.66
N ASN A 84 -13.99 6.20 -21.39
CA ASN A 84 -14.49 4.89 -21.84
C ASN A 84 -14.03 3.71 -21.00
N LEU A 85 -13.25 3.98 -19.94
CA LEU A 85 -12.80 2.90 -19.07
C LEU A 85 -13.93 2.44 -18.17
N MET A 86 -13.91 1.15 -17.83
CA MET A 86 -14.80 0.60 -16.81
C MET A 86 -14.49 1.31 -15.48
N PRO A 87 -15.54 1.77 -14.77
CA PRO A 87 -15.30 2.31 -13.42
C PRO A 87 -14.56 1.34 -12.50
N GLY A 88 -13.61 1.87 -11.72
CA GLY A 88 -12.66 1.05 -10.95
C GLY A 88 -11.28 0.95 -11.56
N CYS A 89 -11.14 1.37 -12.83
CA CYS A 89 -9.86 1.37 -13.52
C CYS A 89 -9.12 2.72 -13.45
N ASP A 90 -7.79 2.66 -13.60
CA ASP A 90 -6.92 3.87 -13.59
C ASP A 90 -5.96 3.85 -14.77
N TYR A 91 -5.54 5.03 -15.22
CA TYR A 91 -4.27 5.17 -15.90
C TYR A 91 -3.34 5.92 -14.95
N SER A 92 -2.05 5.60 -15.01
CA SER A 92 -1.00 6.38 -14.38
C SER A 92 0.09 6.65 -15.41
N LEU A 93 0.56 7.88 -15.52
CA LEU A 93 1.77 8.17 -16.24
C LEU A 93 2.82 8.63 -15.23
N PHE A 94 3.90 7.85 -15.10
CA PHE A 94 4.97 8.17 -14.17
C PHE A 94 6.33 8.19 -14.84
N LYS A 95 7.21 9.05 -14.35
CA LYS A 95 8.58 9.05 -14.82
C LYS A 95 9.17 7.66 -14.62
N ASP A 96 9.86 7.19 -15.65
CA ASP A 96 10.55 5.90 -15.62
C ASP A 96 11.45 5.81 -14.39
N GLY A 97 11.37 4.70 -13.66
CA GLY A 97 12.08 4.55 -12.36
C GLY A 97 11.27 4.88 -11.12
N ILE A 98 10.09 5.47 -11.31
CA ILE A 98 9.17 5.76 -10.22
C ILE A 98 7.91 4.95 -10.42
N GLU A 99 7.63 4.02 -9.52
CA GLU A 99 6.39 3.26 -9.59
C GLU A 99 5.21 4.09 -9.09
N PRO A 100 3.99 3.84 -9.65
CA PRO A 100 2.78 4.61 -9.34
C PRO A 100 2.10 4.21 -8.03
N MET A 101 2.87 4.28 -6.95
CA MET A 101 2.40 3.91 -5.62
C MET A 101 3.12 4.75 -4.59
N TRP A 102 2.45 4.97 -3.45
CA TRP A 102 2.98 5.76 -2.34
C TRP A 102 4.34 5.29 -1.86
N GLU A 103 4.50 3.98 -1.83
CA GLU A 103 5.68 3.32 -1.25
C GLU A 103 7.01 3.60 -1.95
N ASP A 104 6.95 4.06 -3.20
CA ASP A 104 8.17 4.39 -3.94
C ASP A 104 8.86 5.57 -3.26
N GLU A 105 10.20 5.50 -3.20
CA GLU A 105 11.04 6.51 -2.54
C GLU A 105 10.74 7.92 -3.02
N LYS A 106 10.46 8.05 -4.32
CA LYS A 106 10.13 9.34 -4.89
C LYS A 106 8.73 9.84 -4.51
N ASN A 107 7.88 8.96 -4.00
CA ASN A 107 6.50 9.31 -3.60
C ASN A 107 6.27 9.39 -2.09
N LYS A 108 7.06 8.67 -1.29
CA LYS A 108 6.69 8.45 0.14
C LYS A 108 6.56 9.74 0.94
N ARG A 109 7.36 10.73 0.59
CA ARG A 109 7.35 12.04 1.22
C ARG A 109 6.50 13.05 0.47
N GLY A 110 5.82 12.59 -0.58
CA GLY A 110 5.11 13.50 -1.47
C GLY A 110 3.61 13.56 -1.23
N GLY A 111 2.90 13.89 -2.30
CA GLY A 111 1.48 14.18 -2.25
C GLY A 111 0.96 14.45 -3.65
N ARG A 112 -0.30 14.85 -3.73
CA ARG A 112 -0.94 15.02 -5.02
C ARG A 112 -1.78 16.27 -5.07
N TRP A 113 -1.74 16.94 -6.21
CA TRP A 113 -2.76 17.93 -6.52
C TRP A 113 -3.95 17.18 -7.06
N LEU A 114 -5.10 17.31 -6.40
CA LEU A 114 -6.27 16.53 -6.79
C LEU A 114 -7.38 17.34 -7.49
N ILE A 115 -7.84 16.81 -8.62
CA ILE A 115 -9.02 17.32 -9.31
C ILE A 115 -10.14 16.28 -9.21
N THR A 116 -11.29 16.67 -8.68
CA THR A 116 -12.40 15.74 -8.45
C THR A 116 -13.51 16.07 -9.43
N LEU A 117 -14.02 15.07 -10.14
CA LEU A 117 -15.02 15.37 -11.14
C LEU A 117 -16.35 14.67 -10.83
N ASN A 118 -17.47 15.32 -11.13
CA ASN A 118 -18.76 14.65 -11.09
C ASN A 118 -19.03 13.94 -12.43
N LYS A 119 -20.17 13.24 -12.51
CA LYS A 119 -20.55 12.47 -13.70
C LYS A 119 -20.79 13.32 -14.96
N GLN A 120 -21.26 14.56 -14.79
CA GLN A 120 -21.41 15.47 -15.93
C GLN A 120 -20.05 15.86 -16.51
N GLN A 121 -19.05 15.91 -15.63
CA GLN A 121 -17.68 16.22 -16.02
C GLN A 121 -16.97 15.05 -16.68
N ARG A 122 -17.43 13.82 -16.45
CA ARG A 122 -16.90 12.70 -17.20
C ARG A 122 -17.06 12.95 -18.71
N ARG A 123 -18.26 13.41 -19.09
CA ARG A 123 -18.58 13.72 -20.45
C ARG A 123 -17.82 14.96 -20.94
N SER A 124 -17.78 16.01 -20.12
CA SER A 124 -17.34 17.30 -20.62
C SER A 124 -15.88 17.65 -20.34
N ASP A 125 -15.30 17.09 -19.28
CA ASP A 125 -14.00 17.54 -18.80
C ASP A 125 -12.95 16.47 -18.62
N LEU A 126 -13.34 15.22 -18.34
CA LEU A 126 -12.37 14.18 -18.00
C LEU A 126 -11.24 14.01 -19.03
N ASP A 127 -11.62 13.74 -20.28
CA ASP A 127 -10.65 13.41 -21.33
C ASP A 127 -9.78 14.59 -21.66
N ARG A 128 -10.39 15.78 -21.79
CA ARG A 128 -9.59 17.00 -22.02
C ARG A 128 -8.68 17.38 -20.85
N PHE A 129 -9.16 17.19 -19.61
CA PHE A 129 -8.33 17.41 -18.41
C PHE A 129 -7.16 16.43 -18.34
N TRP A 130 -7.44 15.15 -18.62
CA TRP A 130 -6.39 14.14 -18.60
C TRP A 130 -5.36 14.36 -19.71
N LEU A 131 -5.80 14.62 -20.93
CA LEU A 131 -4.85 14.96 -21.98
C LEU A 131 -3.97 16.15 -21.58
N GLU A 132 -4.58 17.24 -21.10
CA GLU A 132 -3.84 18.42 -20.68
C GLU A 132 -2.80 18.13 -19.58
N THR A 133 -3.17 17.26 -18.66
CA THR A 133 -2.27 16.78 -17.60
C THR A 133 -1.07 16.02 -18.17
N LEU A 134 -1.33 15.15 -19.15
CA LEU A 134 -0.28 14.44 -19.88
C LEU A 134 0.67 15.43 -20.54
N LEU A 135 0.11 16.46 -21.18
CA LEU A 135 0.88 17.50 -21.88
C LEU A 135 1.76 18.31 -20.94
N CYS A 136 1.23 18.63 -19.75
CA CYS A 136 1.98 19.31 -18.68
C CYS A 136 3.20 18.52 -18.20
N LEU A 137 3.01 17.21 -18.05
CA LEU A 137 4.07 16.30 -17.67
C LEU A 137 5.11 16.17 -18.77
N ILE A 138 4.73 15.64 -19.93
CA ILE A 138 5.73 15.36 -20.98
C ILE A 138 6.41 16.62 -21.53
N GLY A 139 5.69 17.73 -21.55
CA GLY A 139 6.24 19.02 -22.00
C GLY A 139 7.03 19.80 -20.95
N GLU A 140 7.11 19.28 -19.73
CA GLU A 140 7.84 19.94 -18.63
C GLU A 140 7.34 21.37 -18.42
N SER A 141 6.02 21.53 -18.39
CA SER A 141 5.37 22.84 -18.25
C SER A 141 5.51 23.55 -16.90
N PHE A 142 6.13 22.93 -15.89
CA PHE A 142 6.26 23.56 -14.58
C PHE A 142 7.63 24.21 -14.34
N ASP A 143 8.27 24.61 -15.43
CA ASP A 143 9.47 25.43 -15.36
C ASP A 143 10.50 24.75 -14.47
N ASP A 144 11.06 25.52 -13.56
CA ASP A 144 12.04 25.08 -12.57
C ASP A 144 11.62 23.82 -11.80
N TYR A 145 10.34 23.72 -11.48
CA TYR A 145 9.81 22.71 -10.57
C TYR A 145 9.28 21.43 -11.22
N SER A 146 9.41 21.32 -12.54
CA SER A 146 9.06 20.10 -13.24
C SER A 146 9.82 18.87 -12.71
N ASP A 147 10.98 19.09 -12.14
CA ASP A 147 11.75 18.04 -11.48
C ASP A 147 11.06 17.44 -10.25
N ASP A 148 10.18 18.21 -9.60
CA ASP A 148 9.39 17.71 -8.46
C ASP A 148 8.24 16.79 -8.83
N VAL A 149 7.86 16.77 -10.11
CA VAL A 149 6.75 15.97 -10.58
C VAL A 149 7.16 14.50 -10.67
N CYS A 150 6.31 13.61 -10.16
CA CYS A 150 6.60 12.17 -10.26
C CYS A 150 5.77 11.54 -11.35
N GLY A 151 4.50 11.94 -11.43
CA GLY A 151 3.57 11.40 -12.37
C GLY A 151 2.17 11.96 -12.22
N ALA A 152 1.20 11.29 -12.83
CA ALA A 152 -0.21 11.66 -12.70
C ALA A 152 -1.08 10.39 -12.75
N VAL A 153 -2.24 10.44 -12.11
CA VAL A 153 -3.16 9.32 -12.07
C VAL A 153 -4.57 9.81 -12.42
N VAL A 154 -5.29 9.09 -13.27
CA VAL A 154 -6.73 9.33 -13.43
C VAL A 154 -7.45 8.09 -12.88
N ASN A 155 -8.37 8.32 -11.95
CA ASN A 155 -9.22 7.26 -11.44
C ASN A 155 -10.62 7.40 -12.05
N VAL A 156 -11.09 6.35 -12.70
CA VAL A 156 -12.48 6.33 -13.17
C VAL A 156 -13.34 5.61 -12.11
N ARG A 157 -14.29 6.33 -11.53
CA ARG A 157 -15.05 5.83 -10.38
C ARG A 157 -16.52 6.23 -10.43
N ALA A 158 -17.38 5.31 -10.02
CA ALA A 158 -18.83 5.55 -9.94
C ALA A 158 -19.18 6.76 -9.05
N LYS A 159 -18.45 6.96 -7.96
CA LYS A 159 -18.68 8.07 -7.04
C LYS A 159 -18.03 9.38 -7.49
N GLY A 160 -17.37 9.40 -8.65
CA GLY A 160 -16.67 10.61 -9.12
C GLY A 160 -15.24 10.34 -9.54
N ASP A 161 -14.93 10.68 -10.79
CA ASP A 161 -13.59 10.48 -11.32
C ASP A 161 -12.65 11.45 -10.67
N LYS A 162 -11.36 11.11 -10.68
CA LYS A 162 -10.30 11.95 -10.16
C LYS A 162 -9.11 11.96 -11.10
N ILE A 163 -8.48 13.12 -11.20
CA ILE A 163 -7.20 13.27 -11.85
C ILE A 163 -6.29 13.97 -10.86
N ALA A 164 -5.02 13.57 -10.83
CA ALA A 164 -4.08 14.08 -9.85
C ALA A 164 -2.69 14.11 -10.42
N ILE A 165 -1.94 15.17 -10.12
CA ILE A 165 -0.50 15.20 -10.34
C ILE A 165 0.21 14.88 -9.01
N TRP A 166 1.04 13.83 -9.00
CA TRP A 166 1.89 13.44 -7.85
C TRP A 166 3.22 14.18 -7.92
N THR A 167 3.61 14.81 -6.82
CA THR A 167 4.92 15.46 -6.68
C THR A 167 5.71 14.81 -5.54
N THR A 168 7.00 15.08 -5.48
CA THR A 168 7.93 14.25 -4.72
C THR A 168 8.06 14.59 -3.22
N GLU A 169 7.83 15.86 -2.89
CA GLU A 169 8.11 16.35 -1.56
C GLU A 169 7.04 17.37 -1.14
N CYS A 170 6.24 16.94 -0.17
CA CYS A 170 5.15 17.72 0.38
C CYS A 170 5.64 18.99 1.09
N GLU A 171 6.91 18.98 1.54
CA GLU A 171 7.51 20.12 2.26
C GLU A 171 8.09 21.17 1.32
N ASN A 172 8.20 20.85 0.03
CA ASN A 172 8.64 21.85 -0.93
C ASN A 172 7.47 22.80 -1.28
N ARG A 173 7.17 23.70 -0.35
CA ARG A 173 6.06 24.67 -0.47
C ARG A 173 6.05 25.50 -1.76
N GLU A 174 7.22 26.00 -2.18
CA GLU A 174 7.31 26.79 -3.40
C GLU A 174 7.10 25.90 -4.64
N ALA A 175 7.72 24.73 -4.65
CA ALA A 175 7.55 23.77 -5.73
C ALA A 175 6.07 23.39 -5.87
N VAL A 176 5.47 23.03 -4.74
CA VAL A 176 4.09 22.54 -4.70
C VAL A 176 3.10 23.61 -5.14
N THR A 177 3.30 24.84 -4.68
CA THR A 177 2.44 25.95 -5.06
C THR A 177 2.58 26.32 -6.53
N HIS A 178 3.80 26.42 -7.04
CA HIS A 178 4.01 26.73 -8.46
C HIS A 178 3.32 25.72 -9.37
N ILE A 179 3.53 24.44 -9.10
CA ILE A 179 2.89 23.34 -9.84
C ILE A 179 1.37 23.46 -9.78
N GLY A 180 0.81 23.61 -8.59
CA GLY A 180 -0.64 23.75 -8.45
C GLY A 180 -1.23 24.86 -9.29
N ARG A 181 -0.60 26.03 -9.23
CA ARG A 181 -1.06 27.26 -9.90
C ARG A 181 -0.96 27.18 -11.43
N VAL A 182 0.13 26.61 -11.94
CA VAL A 182 0.27 26.38 -13.37
C VAL A 182 -0.75 25.34 -13.86
N TYR A 183 -0.90 24.24 -13.12
CA TYR A 183 -1.85 23.17 -13.46
C TYR A 183 -3.28 23.72 -13.52
N LYS A 184 -3.70 24.43 -12.48
CA LYS A 184 -5.00 25.08 -12.47
C LYS A 184 -5.22 26.00 -13.70
N GLU A 185 -4.22 26.83 -14.02
CA GLU A 185 -4.28 27.71 -15.20
C GLU A 185 -4.42 26.93 -16.51
N ARG A 186 -3.59 25.90 -16.67
CA ARG A 186 -3.58 25.03 -17.86
C ARG A 186 -4.88 24.28 -18.05
N LEU A 187 -5.53 23.93 -16.95
CA LEU A 187 -6.83 23.28 -17.01
C LEU A 187 -7.94 24.31 -17.32
N GLY A 188 -7.67 25.59 -17.08
CA GLY A 188 -8.62 26.64 -17.41
C GLY A 188 -9.73 26.72 -16.37
N LEU A 189 -9.44 26.26 -15.15
CA LEU A 189 -10.43 26.26 -14.08
C LEU A 189 -10.69 27.70 -13.66
N PRO A 190 -11.98 28.07 -13.50
CA PRO A 190 -12.27 29.40 -12.98
C PRO A 190 -11.51 29.59 -11.67
N PRO A 191 -10.96 30.81 -11.44
CA PRO A 191 -10.18 31.15 -10.23
C PRO A 191 -10.89 30.80 -8.91
N LYS A 192 -12.22 30.90 -8.90
CA LYS A 192 -13.04 30.61 -7.72
C LYS A 192 -13.09 29.13 -7.33
N ILE A 193 -12.70 28.25 -8.25
CA ILE A 193 -12.67 26.81 -8.01
C ILE A 193 -11.34 26.44 -7.37
N VAL A 194 -11.41 26.04 -6.11
CA VAL A 194 -10.22 25.69 -5.30
C VAL A 194 -9.91 24.22 -5.43
N ILE A 195 -8.63 23.91 -5.65
CA ILE A 195 -8.16 22.53 -5.64
C ILE A 195 -7.23 22.32 -4.45
N GLY A 196 -7.18 21.10 -3.94
CA GLY A 196 -6.36 20.81 -2.75
C GLY A 196 -5.17 19.92 -3.04
N TYR A 197 -4.15 20.01 -2.19
CA TYR A 197 -3.01 19.12 -2.22
C TYR A 197 -3.06 18.26 -0.96
N GLN A 198 -3.01 16.95 -1.16
CA GLN A 198 -3.03 15.98 -0.06
C GLN A 198 -1.70 15.25 -0.05
N SER A 199 -1.09 15.14 1.14
CA SER A 199 0.08 14.28 1.31
C SER A 199 -0.35 12.82 1.28
N HIS A 200 0.49 11.96 0.71
CA HIS A 200 0.20 10.53 0.62
C HIS A 200 0.08 9.85 1.99
N ALA A 201 1.00 10.19 2.90
CA ALA A 201 0.96 9.75 4.30
C ALA A 201 -0.42 9.93 4.94
N ASP A 202 -0.98 11.13 4.83
CA ASP A 202 -2.38 11.42 5.27
C ASP A 202 -3.44 10.60 4.54
N THR A 203 -3.36 10.55 3.20
CA THR A 203 -4.26 9.75 2.36
C THR A 203 -4.25 8.26 2.71
N ALA A 204 -3.07 7.74 3.02
CA ALA A 204 -2.86 6.31 3.30
C ALA A 204 -3.65 5.80 4.50
N THR A 205 -3.85 6.65 5.51
CA THR A 205 -4.55 6.27 6.74
C THR A 205 -6.02 6.69 6.74
N LYS A 206 -6.45 7.39 5.69
CA LYS A 206 -7.83 7.84 5.56
C LYS A 206 -8.41 7.40 4.21
N SER A 207 -8.91 8.38 3.44
CA SER A 207 -9.39 8.16 2.08
C SER A 207 -9.22 9.48 1.33
N GLY A 208 -9.45 9.49 0.02
CA GLY A 208 -9.30 10.70 -0.78
C GLY A 208 -10.25 11.85 -0.42
N SER A 209 -11.41 11.51 0.12
CA SER A 209 -12.42 12.51 0.47
C SER A 209 -12.63 12.63 1.99
N THR A 210 -11.67 12.14 2.77
CA THR A 210 -11.63 12.42 4.20
C THR A 210 -10.28 13.02 4.61
N THR A 211 -9.31 12.98 3.69
CA THR A 211 -7.97 13.53 3.98
C THR A 211 -7.92 15.04 3.74
N LYS A 212 -7.23 15.74 4.63
CA LYS A 212 -7.24 17.18 4.57
C LYS A 212 -6.18 17.76 3.65
N ASN A 213 -6.40 19.00 3.24
CA ASN A 213 -5.50 19.69 2.34
C ASN A 213 -4.32 20.31 3.06
N ARG A 214 -3.12 20.06 2.55
CA ARG A 214 -1.90 20.71 3.04
C ARG A 214 -1.70 22.06 2.37
N PHE A 215 -2.15 22.17 1.12
CA PHE A 215 -2.13 23.39 0.34
C PHE A 215 -3.42 23.48 -0.47
N VAL A 216 -3.78 24.70 -0.82
CA VAL A 216 -4.86 24.92 -1.78
C VAL A 216 -4.39 25.89 -2.84
N VAL A 217 -5.06 25.85 -3.98
CA VAL A 217 -4.81 26.75 -5.08
C VAL A 217 -6.14 27.02 -5.78
N ASN B 30 -21.01 -36.69 27.84
CA ASN B 30 -19.86 -35.78 28.16
C ASN B 30 -19.28 -35.12 26.90
N PRO B 31 -19.71 -33.88 26.60
CA PRO B 31 -19.52 -33.29 25.27
C PRO B 31 -18.06 -33.16 24.82
N GLU B 32 -17.15 -33.06 25.78
CA GLU B 32 -15.71 -32.91 25.52
C GLU B 32 -15.17 -34.09 24.71
N HIS B 33 -15.88 -35.22 24.79
CA HIS B 33 -15.56 -36.42 24.03
C HIS B 33 -15.72 -36.34 22.51
N TYR B 34 -16.63 -35.48 22.02
CA TYR B 34 -16.97 -35.47 20.59
C TYR B 34 -17.13 -34.08 19.98
N ILE B 35 -17.20 -33.05 20.81
CA ILE B 35 -17.37 -31.70 20.28
C ILE B 35 -16.00 -31.04 20.14
N LYS B 36 -15.77 -30.39 19.02
CA LYS B 36 -14.53 -29.64 18.84
C LYS B 36 -14.54 -28.39 19.70
N HIS B 37 -13.34 -27.86 19.98
CA HIS B 37 -13.17 -26.72 20.84
C HIS B 37 -13.13 -25.47 20.00
N PRO B 38 -14.24 -24.70 19.98
CA PRO B 38 -14.31 -23.54 19.12
C PRO B 38 -13.34 -22.45 19.54
N LEU B 39 -12.76 -21.78 18.55
CA LEU B 39 -11.97 -20.61 18.84
C LEU B 39 -12.87 -19.39 18.97
N GLN B 40 -12.37 -18.40 19.71
CA GLN B 40 -13.00 -17.10 19.81
C GLN B 40 -13.19 -16.51 18.42
N ASN B 41 -12.19 -16.68 17.55
CA ASN B 41 -12.28 -16.14 16.19
C ASN B 41 -12.11 -17.20 15.12
N ARG B 42 -12.59 -16.90 13.92
CA ARG B 42 -12.28 -17.70 12.75
C ARG B 42 -11.06 -17.06 12.11
N TRP B 43 -10.12 -17.88 11.65
CA TRP B 43 -8.82 -17.41 11.21
C TRP B 43 -8.53 -17.90 9.82
N ALA B 44 -7.81 -17.10 9.06
CA ALA B 44 -7.40 -17.51 7.73
C ALA B 44 -5.88 -17.57 7.63
N LEU B 45 -5.34 -18.72 7.22
CA LEU B 45 -3.90 -18.85 6.94
C LEU B 45 -3.59 -18.60 5.47
N TRP B 46 -2.65 -17.70 5.22
CA TRP B 46 -2.26 -17.35 3.86
C TRP B 46 -0.80 -17.68 3.57
N PHE B 47 -0.52 -18.00 2.31
CA PHE B 47 0.83 -18.12 1.82
C PHE B 47 1.12 -17.08 0.75
N PHE B 48 2.31 -16.49 0.80
CA PHE B 48 2.75 -15.58 -0.23
C PHE B 48 4.18 -15.90 -0.64
N LYS B 49 4.42 -15.97 -1.94
CA LYS B 49 5.78 -16.19 -2.47
C LYS B 49 6.28 -15.01 -3.28
N LYS B 50 7.44 -14.48 -2.89
CA LYS B 50 8.15 -13.38 -3.58
C LYS B 50 7.23 -12.33 -4.20
N ASN B 59 2.95 -15.21 -5.48
CA ASN B 59 1.51 -14.97 -5.52
C ASN B 59 0.84 -15.33 -4.18
N LEU B 60 -0.23 -14.59 -3.84
CA LEU B 60 -0.92 -14.68 -2.55
C LEU B 60 -2.06 -15.71 -2.52
N ARG B 61 -1.84 -16.82 -1.82
CA ARG B 61 -2.78 -17.93 -1.75
C ARG B 61 -3.43 -18.10 -0.37
N LEU B 62 -4.75 -18.29 -0.36
CA LEU B 62 -5.44 -18.71 0.85
C LEU B 62 -5.26 -20.22 1.06
N ILE B 63 -4.64 -20.60 2.17
CA ILE B 63 -4.40 -22.01 2.44
C ILE B 63 -5.66 -22.66 3.01
N SER B 64 -6.12 -22.14 4.15
CA SER B 64 -7.25 -22.70 4.82
C SER B 64 -7.78 -21.68 5.81
N LYS B 65 -9.03 -21.88 6.20
CA LYS B 65 -9.67 -21.15 7.28
C LYS B 65 -10.05 -22.16 8.34
N PHE B 66 -9.98 -21.76 9.61
CA PHE B 66 -10.33 -22.66 10.72
C PHE B 66 -10.88 -21.88 11.91
N ASP B 67 -11.58 -22.59 12.81
CA ASP B 67 -12.19 -21.97 13.98
C ASP B 67 -12.31 -22.87 15.20
N THR B 68 -11.50 -23.94 15.24
CA THR B 68 -11.39 -24.79 16.41
C THR B 68 -9.91 -25.09 16.65
N VAL B 69 -9.60 -25.45 17.89
CA VAL B 69 -8.28 -25.92 18.28
C VAL B 69 -7.80 -27.11 17.42
N GLU B 70 -8.71 -28.06 17.17
CA GLU B 70 -8.43 -29.30 16.45
C GLU B 70 -8.09 -29.04 14.98
N ASP B 71 -8.87 -28.17 14.35
CA ASP B 71 -8.63 -27.79 12.96
C ASP B 71 -7.37 -26.94 12.84
N PHE B 72 -7.01 -26.19 13.90
CA PHE B 72 -5.75 -25.46 13.88
C PHE B 72 -4.57 -26.40 13.73
N TRP B 73 -4.49 -27.40 14.63
CA TRP B 73 -3.40 -28.39 14.64
C TRP B 73 -3.32 -29.27 13.40
N ALA B 74 -4.48 -29.68 12.91
CA ALA B 74 -4.54 -30.43 11.65
C ALA B 74 -3.93 -29.60 10.52
N LEU B 75 -4.20 -28.30 10.49
CA LEU B 75 -3.56 -27.42 9.52
C LEU B 75 -2.05 -27.26 9.78
N TYR B 76 -1.70 -26.95 11.04
CA TYR B 76 -0.32 -26.75 11.42
C TYR B 76 0.56 -27.98 11.08
N ASN B 77 0.03 -29.19 11.31
CA ASN B 77 0.76 -30.45 11.09
C ASN B 77 0.93 -30.88 9.62
N HIS B 78 0.17 -30.27 8.71
CA HIS B 78 0.23 -30.59 7.27
C HIS B 78 1.13 -29.65 6.46
N ILE B 79 1.52 -28.51 7.05
CA ILE B 79 2.30 -27.50 6.32
C ILE B 79 3.78 -27.40 6.74
N GLN B 80 4.63 -26.93 5.84
CA GLN B 80 6.03 -26.68 6.15
C GLN B 80 6.21 -25.76 7.33
N LEU B 81 7.13 -26.15 8.21
CA LEU B 81 7.68 -25.22 9.18
C LEU B 81 8.26 -24.01 8.42
N SER B 82 8.08 -22.83 9.00
CA SER B 82 8.62 -21.60 8.41
C SER B 82 10.11 -21.69 8.05
N SER B 83 10.90 -22.34 8.90
CA SER B 83 12.33 -22.50 8.63
C SER B 83 12.65 -23.34 7.40
N ASN B 84 11.68 -24.09 6.89
CA ASN B 84 11.88 -24.88 5.68
C ASN B 84 11.31 -24.22 4.44
N LEU B 85 10.86 -22.96 4.55
CA LEU B 85 10.39 -22.22 3.38
C LEU B 85 11.55 -21.63 2.60
N MET B 86 11.36 -21.50 1.29
CA MET B 86 12.31 -20.81 0.46
C MET B 86 12.31 -19.33 0.84
N PRO B 87 13.49 -18.71 0.90
CA PRO B 87 13.58 -17.26 1.11
C PRO B 87 12.63 -16.51 0.15
N GLY B 88 11.86 -15.58 0.69
CA GLY B 88 10.89 -14.83 -0.12
C GLY B 88 9.45 -15.21 0.15
N CYS B 89 9.24 -16.28 0.92
CA CYS B 89 7.91 -16.73 1.30
C CYS B 89 7.46 -16.15 2.65
N ASP B 90 6.14 -15.97 2.79
CA ASP B 90 5.51 -15.56 4.04
C ASP B 90 4.36 -16.51 4.35
N TYR B 91 4.14 -16.75 5.63
CA TYR B 91 2.82 -17.14 6.12
C TYR B 91 2.19 -15.95 6.83
N SER B 92 0.88 -15.88 6.80
CA SER B 92 0.10 -14.86 7.50
C SER B 92 -1.13 -15.53 8.12
N LEU B 93 -1.35 -15.34 9.41
CA LEU B 93 -2.60 -15.75 10.00
C LEU B 93 -3.45 -14.52 10.35
N PHE B 94 -4.55 -14.32 9.64
CA PHE B 94 -5.38 -13.14 9.87
C PHE B 94 -6.80 -13.50 10.21
N LYS B 95 -7.41 -12.69 11.06
CA LYS B 95 -8.82 -12.88 11.39
C LYS B 95 -9.61 -12.80 10.09
N ASP B 96 -10.55 -13.72 9.96
CA ASP B 96 -11.42 -13.79 8.80
C ASP B 96 -12.11 -12.47 8.57
N GLY B 97 -12.03 -11.99 7.33
CA GLY B 97 -12.57 -10.69 6.94
C GLY B 97 -11.54 -9.58 6.96
N ILE B 98 -10.31 -9.92 7.35
CA ILE B 98 -9.19 -8.99 7.31
C ILE B 98 -8.17 -9.59 6.36
N GLU B 99 -7.95 -8.87 5.26
CA GLU B 99 -6.96 -9.21 4.27
C GLU B 99 -5.58 -8.96 4.87
N PRO B 100 -4.61 -9.86 4.59
CA PRO B 100 -3.24 -9.76 5.09
C PRO B 100 -2.40 -8.67 4.36
N MET B 101 -2.99 -7.50 4.22
CA MET B 101 -2.35 -6.38 3.54
C MET B 101 -2.60 -5.16 4.40
N TRP B 102 -1.58 -4.29 4.47
CA TRP B 102 -1.65 -3.12 5.34
C TRP B 102 -2.74 -2.11 4.95
N GLU B 103 -3.12 -2.09 3.67
CA GLU B 103 -4.15 -1.17 3.14
C GLU B 103 -5.56 -1.50 3.60
N ASP B 104 -5.85 -2.76 3.91
CA ASP B 104 -7.12 -3.14 4.53
C ASP B 104 -7.54 -2.09 5.57
N GLU B 105 -8.83 -1.80 5.61
CA GLU B 105 -9.38 -0.79 6.53
C GLU B 105 -9.02 -1.09 7.98
N LYS B 106 -8.93 -2.38 8.31
CA LYS B 106 -8.62 -2.80 9.68
C LYS B 106 -7.12 -2.76 10.01
N ASN B 107 -6.27 -2.64 8.98
CA ASN B 107 -4.82 -2.49 9.17
C ASN B 107 -4.27 -1.09 8.88
N LYS B 108 -4.92 -0.34 8.00
CA LYS B 108 -4.33 0.94 7.52
C LYS B 108 -3.93 1.92 8.62
N ARG B 109 -4.70 1.94 9.70
CA ARG B 109 -4.38 2.81 10.84
C ARG B 109 -3.56 2.10 11.92
N GLY B 110 -3.23 0.83 11.71
CA GLY B 110 -2.52 0.08 12.70
C GLY B 110 -1.02 -0.02 12.48
N GLY B 111 -0.43 -1.04 13.09
CA GLY B 111 0.98 -1.31 12.92
C GLY B 111 1.29 -2.72 13.33
N ARG B 112 2.57 -2.97 13.62
CA ARG B 112 3.03 -4.31 13.95
C ARG B 112 4.11 -4.30 15.04
N TRP B 113 4.05 -5.27 15.92
CA TRP B 113 5.16 -5.57 16.80
C TRP B 113 6.10 -6.45 16.01
N LEU B 114 7.36 -6.06 15.89
CA LEU B 114 8.27 -6.70 14.94
C LEU B 114 9.39 -7.42 15.67
N ILE B 115 9.54 -8.71 15.38
CA ILE B 115 10.67 -9.52 15.83
C ILE B 115 11.57 -9.77 14.61
N THR B 116 12.82 -9.34 14.68
CA THR B 116 13.77 -9.62 13.60
C THR B 116 14.74 -10.73 14.03
N LEU B 117 14.98 -11.68 13.13
CA LEU B 117 15.85 -12.81 13.44
C LEU B 117 17.00 -12.92 12.43
N ASN B 118 18.19 -13.30 12.90
CA ASN B 118 19.31 -13.58 11.98
C ASN B 118 19.28 -15.06 11.56
N LYS B 119 20.25 -15.49 10.75
CA LYS B 119 20.25 -16.86 10.23
C LYS B 119 20.45 -17.94 11.30
N GLN B 120 21.22 -17.58 12.31
CA GLN B 120 21.39 -18.47 13.44
C GLN B 120 20.07 -18.69 14.16
N GLN B 121 19.28 -17.64 14.27
CA GLN B 121 17.94 -17.71 14.87
C GLN B 121 16.90 -18.41 14.01
N ARG B 122 17.10 -18.46 12.69
CA ARG B 122 16.26 -19.32 11.84
C ARG B 122 16.22 -20.73 12.44
N ARG B 123 17.42 -21.26 12.72
CA ARG B 123 17.59 -22.56 13.35
C ARG B 123 16.98 -22.65 14.76
N SER B 124 17.32 -21.71 15.65
CA SER B 124 16.97 -21.92 17.05
C SER B 124 15.67 -21.28 17.55
N ASP B 125 15.17 -20.28 16.83
CA ASP B 125 14.07 -19.44 17.33
C ASP B 125 12.85 -19.33 16.41
N LEU B 126 13.06 -19.31 15.11
CA LEU B 126 12.00 -19.05 14.15
C LEU B 126 10.71 -19.88 14.33
N ASP B 127 10.84 -21.20 14.28
CA ASP B 127 9.69 -22.11 14.42
C ASP B 127 9.00 -22.02 15.75
N ARG B 128 9.76 -21.99 16.85
CA ARG B 128 9.12 -21.89 18.17
C ARG B 128 8.48 -20.52 18.43
N PHE B 129 9.14 -19.45 17.94
CA PHE B 129 8.59 -18.09 18.03
C PHE B 129 7.31 -17.95 17.22
N TRP B 130 7.27 -18.52 16.03
CA TRP B 130 6.09 -18.51 15.17
C TRP B 130 4.93 -19.31 15.75
N LEU B 131 5.19 -20.53 16.21
CA LEU B 131 4.15 -21.32 16.88
C LEU B 131 3.56 -20.55 18.07
N GLU B 132 4.44 -20.02 18.92
CA GLU B 132 4.03 -19.25 20.09
C GLU B 132 3.14 -18.08 19.73
N THR B 133 3.45 -17.45 18.60
CA THR B 133 2.71 -16.31 18.04
C THR B 133 1.31 -16.78 17.61
N LEU B 134 1.25 -17.95 16.98
CA LEU B 134 -0.01 -18.54 16.55
C LEU B 134 -0.83 -18.82 17.77
N LEU B 135 -0.18 -19.38 18.80
CA LEU B 135 -0.87 -19.70 20.08
C LEU B 135 -1.41 -18.48 20.78
N CYS B 136 -0.64 -17.40 20.78
CA CYS B 136 -1.10 -16.10 21.33
C CYS B 136 -2.34 -15.59 20.63
N LEU B 137 -2.37 -15.76 19.31
CA LEU B 137 -3.46 -15.30 18.49
C LEU B 137 -4.72 -16.15 18.69
N ILE B 138 -4.61 -17.45 18.44
CA ILE B 138 -5.81 -18.30 18.54
C ILE B 138 -6.34 -18.49 19.99
N GLY B 139 -5.45 -18.41 20.97
CA GLY B 139 -5.84 -18.53 22.38
C GLY B 139 -6.28 -17.22 23.02
N GLU B 140 -6.26 -16.13 22.24
CA GLU B 140 -6.67 -14.79 22.71
C GLU B 140 -5.94 -14.44 23.99
N SER B 141 -4.61 -14.51 23.92
CA SER B 141 -3.75 -14.34 25.08
C SER B 141 -3.53 -12.91 25.58
N PHE B 142 -4.08 -11.91 24.90
CA PHE B 142 -3.83 -10.51 25.27
C PHE B 142 -5.00 -9.87 26.04
N ASP B 143 -5.84 -10.73 26.61
CA ASP B 143 -6.90 -10.31 27.51
C ASP B 143 -7.89 -9.42 26.74
N ASP B 144 -8.29 -8.30 27.32
CA ASP B 144 -9.26 -7.44 26.65
C ASP B 144 -8.75 -6.80 25.37
N TYR B 145 -7.44 -6.91 25.13
CA TYR B 145 -6.82 -6.26 24.00
C TYR B 145 -6.56 -7.17 22.83
N SER B 146 -7.03 -8.40 22.93
CA SER B 146 -6.98 -9.35 21.83
C SER B 146 -7.88 -8.90 20.66
N ASP B 147 -8.92 -8.13 20.97
CA ASP B 147 -9.76 -7.52 19.94
C ASP B 147 -8.99 -6.64 18.96
N ASP B 148 -7.89 -6.05 19.43
CA ASP B 148 -7.05 -5.16 18.60
C ASP B 148 -6.13 -5.92 17.64
N VAL B 149 -5.91 -7.21 17.88
CA VAL B 149 -5.10 -8.04 17.00
C VAL B 149 -5.84 -8.31 15.68
N CYS B 150 -5.13 -8.11 14.58
CA CYS B 150 -5.63 -8.40 13.24
C CYS B 150 -5.07 -9.72 12.75
N GLY B 151 -3.78 -9.96 13.00
CA GLY B 151 -3.10 -11.14 12.53
C GLY B 151 -1.62 -11.13 12.84
N ALA B 152 -0.91 -12.06 12.23
CA ALA B 152 0.54 -12.17 12.39
C ALA B 152 1.18 -12.59 11.05
N VAL B 153 2.42 -12.17 10.81
CA VAL B 153 3.15 -12.54 9.59
C VAL B 153 4.57 -13.04 9.91
N VAL B 154 4.95 -14.18 9.34
CA VAL B 154 6.35 -14.58 9.33
C VAL B 154 6.90 -14.36 7.91
N ASN B 155 7.97 -13.58 7.81
CA ASN B 155 8.65 -13.38 6.55
C ASN B 155 9.94 -14.19 6.59
N VAL B 156 10.08 -15.13 5.66
CA VAL B 156 11.36 -15.83 5.51
C VAL B 156 12.15 -15.13 4.41
N ARG B 157 13.34 -14.67 4.78
CA ARG B 157 14.19 -13.87 3.90
C ARG B 157 15.65 -14.24 4.07
N ALA B 158 16.39 -14.17 2.97
CA ALA B 158 17.85 -14.37 2.97
C ALA B 158 18.60 -13.35 3.84
N LYS B 159 18.03 -12.14 4.00
CA LYS B 159 18.69 -11.05 4.74
C LYS B 159 18.16 -10.86 6.16
N GLY B 160 17.35 -11.81 6.63
CA GLY B 160 16.87 -11.76 8.01
C GLY B 160 15.36 -11.92 8.08
N ASP B 161 14.94 -13.04 8.67
CA ASP B 161 13.55 -13.39 8.86
C ASP B 161 12.85 -12.44 9.82
N LYS B 162 11.55 -12.29 9.64
CA LYS B 162 10.74 -11.41 10.48
C LYS B 162 9.49 -12.11 10.95
N ILE B 163 9.14 -11.89 12.21
CA ILE B 163 7.82 -12.26 12.72
C ILE B 163 7.17 -11.00 13.27
N ALA B 164 5.86 -10.87 13.10
CA ALA B 164 5.18 -9.64 13.50
C ALA B 164 3.73 -9.91 13.86
N ILE B 165 3.25 -9.30 14.95
CA ILE B 165 1.84 -9.28 15.27
C ILE B 165 1.29 -7.94 14.82
N TRP B 166 0.28 -7.97 13.96
CA TRP B 166 -0.36 -6.77 13.44
C TRP B 166 -1.54 -6.37 14.31
N THR B 167 -1.63 -5.09 14.63
CA THR B 167 -2.78 -4.59 15.37
C THR B 167 -3.48 -3.47 14.61
N THR B 168 -4.71 -3.20 15.01
CA THR B 168 -5.65 -2.42 14.22
C THR B 168 -5.48 -0.91 14.28
N GLU B 169 -4.90 -0.41 15.37
CA GLU B 169 -4.92 1.04 15.62
C GLU B 169 -3.72 1.45 16.46
N CYS B 170 -2.75 2.11 15.84
CA CYS B 170 -1.53 2.44 16.57
C CYS B 170 -1.69 3.56 17.59
N GLU B 171 -2.79 4.32 17.51
CA GLU B 171 -3.15 5.31 18.53
C GLU B 171 -3.78 4.72 19.82
N ASN B 172 -4.14 3.43 19.80
CA ASN B 172 -4.59 2.72 21.00
C ASN B 172 -3.37 2.32 21.84
N ARG B 173 -2.88 3.26 22.64
CA ARG B 173 -1.56 3.13 23.31
C ARG B 173 -1.49 1.98 24.29
N GLU B 174 -2.48 1.91 25.17
CA GLU B 174 -2.61 0.87 26.17
C GLU B 174 -2.74 -0.52 25.54
N ALA B 175 -3.64 -0.64 24.56
CA ALA B 175 -3.78 -1.90 23.79
C ALA B 175 -2.46 -2.35 23.17
N VAL B 176 -1.78 -1.47 22.42
CA VAL B 176 -0.52 -1.81 21.77
C VAL B 176 0.56 -2.20 22.80
N THR B 177 0.64 -1.40 23.87
CA THR B 177 1.58 -1.61 24.96
C THR B 177 1.33 -2.95 25.70
N HIS B 178 0.07 -3.27 25.98
CA HIS B 178 -0.27 -4.51 26.68
C HIS B 178 0.06 -5.71 25.82
N ILE B 179 -0.39 -5.68 24.56
CA ILE B 179 -0.03 -6.69 23.58
C ILE B 179 1.49 -6.88 23.48
N GLY B 180 2.23 -5.76 23.39
CA GLY B 180 3.69 -5.82 23.33
C GLY B 180 4.34 -6.55 24.49
N ARG B 181 3.91 -6.20 25.70
CA ARG B 181 4.47 -6.73 26.93
C ARG B 181 4.19 -8.21 27.12
N VAL B 182 2.95 -8.62 26.88
CA VAL B 182 2.60 -10.03 26.96
C VAL B 182 3.35 -10.84 25.92
N TYR B 183 3.40 -10.33 24.69
CA TYR B 183 4.06 -11.01 23.57
C TYR B 183 5.51 -11.27 23.89
N LYS B 184 6.22 -10.23 24.32
CA LYS B 184 7.62 -10.33 24.74
C LYS B 184 7.86 -11.39 25.81
N GLU B 185 7.03 -11.41 26.84
CA GLU B 185 7.12 -12.39 27.92
C GLU B 185 6.76 -13.81 27.42
N ARG B 186 5.83 -13.87 26.49
CA ARG B 186 5.46 -15.14 25.86
C ARG B 186 6.58 -15.70 25.02
N LEU B 187 7.39 -14.83 24.43
CA LEU B 187 8.53 -15.29 23.63
C LEU B 187 9.77 -15.58 24.48
N GLY B 188 9.70 -15.22 25.76
CA GLY B 188 10.82 -15.42 26.69
C GLY B 188 12.02 -14.54 26.41
N LEU B 189 11.78 -13.37 25.83
CA LEU B 189 12.85 -12.42 25.55
C LEU B 189 13.31 -11.77 26.85
N PRO B 190 14.64 -11.74 27.09
CA PRO B 190 15.16 -11.11 28.31
C PRO B 190 14.95 -9.58 28.31
N PRO B 191 14.89 -8.95 29.50
CA PRO B 191 14.67 -7.51 29.61
C PRO B 191 15.60 -6.65 28.76
N LYS B 192 16.85 -7.09 28.63
CA LYS B 192 17.88 -6.38 27.89
C LYS B 192 17.50 -6.12 26.42
N ILE B 193 16.76 -7.06 25.84
CA ILE B 193 16.40 -7.00 24.43
C ILE B 193 15.14 -6.13 24.24
N VAL B 194 15.11 -5.38 23.15
CA VAL B 194 14.02 -4.44 22.86
C VAL B 194 13.40 -4.72 21.50
N ILE B 195 12.08 -4.80 21.49
CA ILE B 195 11.33 -4.92 20.27
C ILE B 195 10.53 -3.63 20.02
N GLY B 196 10.36 -3.32 18.73
CA GLY B 196 9.67 -2.10 18.33
C GLY B 196 8.33 -2.36 17.67
N TYR B 197 7.43 -1.41 17.86
CA TYR B 197 6.13 -1.36 17.19
C TYR B 197 6.16 -0.26 16.14
N GLN B 198 5.90 -0.64 14.89
CA GLN B 198 5.90 0.35 13.80
C GLN B 198 4.57 0.42 13.15
N SER B 199 4.06 1.64 12.93
CA SER B 199 2.80 1.79 12.19
C SER B 199 3.05 1.47 10.73
N HIS B 200 2.06 0.85 10.09
CA HIS B 200 2.16 0.47 8.70
C HIS B 200 2.37 1.70 7.81
N ALA B 201 1.71 2.80 8.16
CA ALA B 201 1.81 4.05 7.40
C ALA B 201 3.22 4.63 7.44
N ASP B 202 3.86 4.59 8.61
CA ASP B 202 5.28 4.97 8.76
C ASP B 202 6.24 4.08 7.93
N THR B 203 6.10 2.77 8.04
CA THR B 203 6.91 1.83 7.24
C THR B 203 6.80 2.17 5.74
N ALA B 204 5.57 2.40 5.26
CA ALA B 204 5.29 2.66 3.86
C ALA B 204 5.81 4.03 3.39
N THR B 205 5.88 4.98 4.32
CA THR B 205 5.96 6.39 3.96
C THR B 205 7.10 7.16 4.66
N LYS B 206 7.85 6.44 5.50
CA LYS B 206 8.99 6.95 6.27
C LYS B 206 8.54 7.93 7.36
N THR B 210 12.63 10.27 12.84
CA THR B 210 13.34 9.32 11.99
C THR B 210 13.38 7.87 12.52
N THR B 211 13.08 7.66 13.80
CA THR B 211 12.85 6.30 14.29
C THR B 211 11.63 5.70 13.62
N LYS B 212 11.74 4.41 13.34
CA LYS B 212 10.66 3.58 12.85
C LYS B 212 9.56 3.40 13.93
N ASN B 213 9.97 3.30 15.18
CA ASN B 213 9.09 2.89 16.29
C ASN B 213 8.22 3.99 16.86
N ARG B 214 6.97 3.65 17.16
CA ARG B 214 6.16 4.49 18.08
C ARG B 214 6.02 3.94 19.51
N PHE B 215 6.35 2.67 19.71
CA PHE B 215 6.42 2.06 21.03
C PHE B 215 7.60 1.10 21.01
N VAL B 216 8.20 0.87 22.18
CA VAL B 216 9.15 -0.22 22.32
C VAL B 216 8.87 -0.95 23.62
N VAL B 217 9.20 -2.24 23.65
CA VAL B 217 9.11 -3.00 24.88
C VAL B 217 10.32 -3.95 24.97
N LYS C 1 14.77 21.51 -19.05
CA LYS C 1 15.71 21.56 -20.21
C LYS C 1 14.99 21.38 -21.57
N LYS C 2 14.59 20.16 -21.91
CA LYS C 2 13.72 19.91 -23.06
C LYS C 2 12.25 20.25 -22.74
N ARG C 3 11.81 21.42 -23.19
CA ARG C 3 10.48 21.92 -22.88
C ARG C 3 9.68 22.11 -24.17
N TYR C 4 8.43 21.66 -24.16
CA TYR C 4 7.56 21.80 -25.31
C TYR C 4 6.27 22.46 -24.89
N ASP C 5 5.90 23.52 -25.60
CA ASP C 5 4.65 24.17 -25.30
C ASP C 5 3.49 23.38 -25.91
N ARG C 6 2.30 23.70 -25.44
CA ARG C 6 1.07 22.99 -25.71
C ARG C 6 0.76 22.82 -27.20
N GLU C 7 0.88 23.90 -27.98
CA GLU C 7 0.52 23.92 -29.40
C GLU C 7 1.50 23.13 -30.26
N PHE C 8 2.77 23.12 -29.86
CA PHE C 8 3.77 22.28 -30.48
C PHE C 8 3.39 20.80 -30.37
N LEU C 9 3.17 20.32 -29.13
CA LEU C 9 2.83 18.91 -28.88
C LEU C 9 1.55 18.47 -29.60
N LEU C 10 0.53 19.33 -29.53
CA LEU C 10 -0.76 19.09 -30.18
C LEU C 10 -0.69 19.10 -31.70
N GLY C 11 0.34 19.73 -32.26
CA GLY C 11 0.59 19.69 -33.70
C GLY C 11 0.93 18.29 -34.20
N PHE C 12 1.50 17.46 -33.33
CA PHE C 12 1.95 16.10 -33.64
C PHE C 12 0.93 14.98 -33.57
N GLN C 13 -0.33 15.29 -33.27
CA GLN C 13 -1.25 14.21 -32.95
C GLN C 13 -1.64 13.32 -34.15
N LYS D 2 -13.89 -16.87 24.63
CA LYS D 2 -13.09 -18.13 24.63
C LYS D 2 -11.59 -17.86 24.59
N ARG D 3 -10.96 -18.08 25.75
CA ARG D 3 -9.53 -17.96 25.92
C ARG D 3 -8.98 -19.33 26.27
N TYR D 4 -7.87 -19.71 25.63
CA TYR D 4 -7.19 -20.95 25.95
C TYR D 4 -5.74 -20.64 26.30
N ASP D 5 -5.29 -21.12 27.46
CA ASP D 5 -3.89 -20.97 27.81
C ASP D 5 -3.06 -21.95 26.98
N ARG D 6 -1.76 -21.68 26.88
CA ARG D 6 -0.89 -22.41 25.95
C ARG D 6 -0.77 -23.90 26.24
N GLU D 7 -0.79 -24.31 27.51
CA GLU D 7 -0.61 -25.73 27.89
C GLU D 7 -1.76 -26.58 27.37
N PHE D 8 -2.97 -26.04 27.50
CA PHE D 8 -4.18 -26.67 27.00
C PHE D 8 -4.09 -26.87 25.49
N LEU D 9 -3.71 -25.81 24.78
CA LEU D 9 -3.58 -25.84 23.32
C LEU D 9 -2.49 -26.81 22.87
N LEU D 10 -1.37 -26.82 23.58
CA LEU D 10 -0.26 -27.74 23.24
C LEU D 10 -0.60 -29.22 23.49
N GLY D 11 -1.47 -29.47 24.46
CA GLY D 11 -1.97 -30.82 24.73
C GLY D 11 -2.64 -31.52 23.55
N PHE D 12 -3.09 -30.74 22.56
CA PHE D 12 -3.66 -31.28 21.33
C PHE D 12 -2.61 -31.60 20.26
N GLN D 13 -1.41 -31.03 20.40
CA GLN D 13 -0.43 -30.93 19.28
C GLN D 13 -0.48 -32.10 18.29
OAJ MGO E . -12.22 6.16 -0.92
PBE MGO E . -10.85 6.05 -1.74
OAD MGO E . -9.93 5.15 -0.74
OAI MGO E . -10.25 7.39 -1.98
OAS MGO E . -11.15 5.10 -3.04
PBG MGO E . -10.70 5.40 -4.58
OAL MGO E . -10.88 4.02 -5.26
OAF MGO E . -11.58 6.44 -5.15
OAT MGO E . -9.16 5.86 -4.66
PBF MGO E . -7.79 4.95 -4.92
OAK MGO E . -6.66 6.09 -5.04
OAE MGO E . -7.90 4.07 -6.09
O5' MGO E . -7.57 4.16 -3.52
C5' MGO E . -8.32 2.95 -3.24
C4' MGO E . -7.51 2.03 -2.35
O4' MGO E . -6.43 1.44 -3.11
C3' MGO E . -6.79 2.85 -1.27
O3' MGO E . -7.68 3.17 -0.19
C2' MGO E . -5.70 1.88 -0.86
O2' MGO E . -6.23 0.76 -0.13
C1' MGO E . -5.26 1.40 -2.25
NBC MGO E . -4.19 2.26 -2.79
CAN MGO E . -4.29 3.34 -3.58
NBD MGO E . -3.07 3.79 -3.82
CAA MGO E . -2.80 4.99 -4.66
CAX MGO E . -2.15 3.01 -3.22
CAW MGO E . -2.89 2.03 -2.56
CAM MGO E . -2.27 1.03 -1.82
CAU MGO E . -0.89 1.03 -1.72
NAB MGO E . -0.30 0.09 -1.01
NAP MGO E . -0.12 2.00 -2.37
CAV MGO E . -0.74 3.00 -3.13
OAC MGO E . -0.05 3.85 -3.71
C1 PGE F . -26.22 19.14 -10.24
O1 PGE F . -26.38 19.94 -9.07
C2 PGE F . -24.78 19.20 -10.76
O2 PGE F . -24.10 17.97 -10.40
C3 PGE F . -23.60 17.26 -11.57
C4 PGE F . -24.43 15.99 -11.82
O4 PGE F . -21.67 12.93 -9.74
C6 PGE F . -23.04 12.92 -10.22
C5 PGE F . -23.64 14.31 -10.34
O3 PGE F . -23.66 14.76 -11.73
S SO4 G . 13.67 -0.39 -19.10
O1 SO4 G . 13.64 -1.14 -17.84
O2 SO4 G . 14.40 0.84 -18.88
O3 SO4 G . 14.33 -1.18 -20.13
O4 SO4 G . 12.30 -0.09 -19.53
S SO4 H . 10.32 25.83 0.29
O1 SO4 H . 10.79 27.03 0.99
O2 SO4 H . 9.51 26.24 -0.84
O3 SO4 H . 11.46 25.04 -0.20
O4 SO4 H . 9.52 25.04 1.22
C1 GOL I . -11.53 20.15 -8.51
O1 GOL I . -11.76 20.00 -7.10
C2 GOL I . -12.81 20.00 -9.34
O2 GOL I . -13.93 20.60 -8.68
C3 GOL I . -12.64 20.63 -10.71
O3 GOL I . -13.92 20.72 -11.37
S SO4 J . -16.11 -17.84 4.08
O1 SO4 J . -16.67 -17.02 5.15
O2 SO4 J . -16.34 -17.18 2.79
O3 SO4 J . -14.68 -18.02 4.28
O4 SO4 J . -16.74 -19.15 4.08
S SO4 K . -5.17 4.99 24.99
O1 SO4 K . -5.20 5.82 26.19
O2 SO4 K . -4.36 5.65 23.99
O3 SO4 K . -4.59 3.70 25.34
O4 SO4 K . -6.49 4.75 24.46
C1 GOL L . 4.42 -4.83 5.97
O1 GOL L . 4.37 -5.21 4.59
C2 GOL L . 3.67 -3.52 6.16
O2 GOL L . 3.59 -3.22 7.54
C3 GOL L . 4.45 -2.41 5.46
O3 GOL L . 3.78 -1.15 5.64
#